data_9J6C
#
_entry.id   9J6C
#
_cell.length_a   76.650
_cell.length_b   100.958
_cell.length_c   86.910
_cell.angle_alpha   90.00
_cell.angle_beta   112.30
_cell.angle_gamma   90.00
#
_symmetry.space_group_name_H-M   'C 1 2 1'
#
loop_
_entity.id
_entity.type
_entity.pdbx_description
1 polymer IR104M4
2 water water
#
_entity_poly.entity_id   1
_entity_poly.type   'polypeptide(L)'
_entity_poly.pdbx_seq_one_letter_code
;MPDDAKTANTTTAATTKNAENNRITPVTVIGLGAMGRALAGALLDAGYPTTVWNRTAGRGEDLVARGATLAASPAEAVRA
GEVVLVCVVDYAASQAILEPVAADLAGRVLVNVTSDSPERAREAAKWADGHGIRYLDGAVMIPTVMVGSTDALLFYAGDK
SAYDEHEQVFTSLGGQSAYVGADHGLAAVYELSMIDFFWTSMSGLVHGYALAAKDGVPATSIAPFLKAHISLLSLLIEVT
AKDLDAGEYPGASGNLAAEVEGIEHILHAAELRGLDVSVLRSVRDVARRAVDLGHGADSWSATVEGARNPA
;
_entity_poly.pdbx_strand_id   A,B
#
# COMPACT_ATOMS: atom_id res chain seq x y z
N ILE A 24 3.18 -35.39 -19.10
CA ILE A 24 3.00 -35.95 -20.44
C ILE A 24 3.07 -34.86 -21.50
N THR A 25 2.28 -33.80 -21.32
CA THR A 25 2.13 -32.80 -22.36
C THR A 25 3.44 -32.05 -22.56
N PRO A 26 3.96 -31.97 -23.78
CA PRO A 26 5.19 -31.22 -24.03
C PRO A 26 4.92 -29.72 -24.14
N VAL A 27 5.80 -28.94 -23.50
CA VAL A 27 5.65 -27.48 -23.46
C VAL A 27 6.94 -26.85 -23.96
N THR A 28 6.81 -25.75 -24.70
CA THR A 28 7.93 -24.99 -25.23
C THR A 28 7.96 -23.60 -24.60
N VAL A 29 9.15 -23.16 -24.19
CA VAL A 29 9.36 -21.81 -23.67
C VAL A 29 10.29 -21.08 -24.62
N ILE A 30 9.81 -19.98 -25.19
CA ILE A 30 10.56 -19.20 -26.17
C ILE A 30 10.98 -17.90 -25.52
N GLY A 31 12.29 -17.71 -25.36
CA GLY A 31 12.82 -16.54 -24.69
C GLY A 31 13.30 -16.88 -23.29
N LEU A 32 14.62 -16.80 -23.08
CA LEU A 32 15.18 -17.23 -21.80
C LEU A 32 15.79 -16.08 -21.02
N GLY A 33 15.07 -14.97 -20.92
CA GLY A 33 15.38 -13.98 -19.92
C GLY A 33 15.06 -14.52 -18.54
N ALA A 34 15.00 -13.61 -17.57
CA ALA A 34 14.69 -14.00 -16.20
C ALA A 34 13.32 -14.67 -16.13
N MET A 35 12.31 -14.05 -16.75
CA MET A 35 10.96 -14.59 -16.72
C MET A 35 10.89 -15.95 -17.41
N GLY A 36 11.47 -16.05 -18.61
CA GLY A 36 11.43 -17.30 -19.33
C GLY A 36 12.16 -18.42 -18.63
N ARG A 37 13.30 -18.11 -18.01
CA ARG A 37 14.03 -19.11 -17.23
C ARG A 37 13.21 -19.59 -16.04
N ALA A 38 12.54 -18.66 -15.35
CA ALA A 38 11.72 -19.04 -14.20
C ALA A 38 10.54 -19.90 -14.62
N LEU A 39 9.86 -19.50 -15.71
CA LEU A 39 8.74 -20.31 -16.21
C LEU A 39 9.21 -21.70 -16.63
N ALA A 40 10.35 -21.78 -17.32
CA ALA A 40 10.87 -23.08 -17.73
C ALA A 40 11.23 -23.95 -16.54
N GLY A 41 11.76 -23.34 -15.47
CA GLY A 41 12.08 -24.10 -14.28
C GLY A 41 10.86 -24.70 -13.63
N ALA A 42 9.76 -23.95 -13.57
CA ALA A 42 8.52 -24.44 -12.97
C ALA A 42 8.00 -25.66 -13.72
N LEU A 43 8.06 -25.63 -15.05
CA LEU A 43 7.58 -26.76 -15.85
C LEU A 43 8.46 -28.00 -15.62
N LEU A 44 9.77 -27.80 -15.52
CA LEU A 44 10.66 -28.92 -15.24
C LEU A 44 10.40 -29.52 -13.87
N ASP A 45 10.13 -28.67 -12.87
CA ASP A 45 9.83 -29.15 -11.53
C ASP A 45 8.60 -30.06 -11.53
N ALA A 46 7.58 -29.70 -12.30
CA ALA A 46 6.33 -30.46 -12.32
C ALA A 46 6.43 -31.74 -13.14
N GLY A 47 7.47 -31.89 -13.95
CA GLY A 47 7.69 -33.11 -14.70
C GLY A 47 7.25 -33.07 -16.15
N TYR A 48 7.11 -31.88 -16.74
CA TYR A 48 6.73 -31.83 -18.14
C TYR A 48 7.96 -31.85 -19.05
N PRO A 49 7.88 -32.51 -20.20
CA PRO A 49 8.94 -32.34 -21.22
C PRO A 49 8.98 -30.91 -21.69
N THR A 50 10.13 -30.27 -21.52
CA THR A 50 10.29 -28.84 -21.77
C THR A 50 11.33 -28.63 -22.86
N THR A 51 10.97 -27.84 -23.87
CA THR A 51 11.90 -27.37 -24.89
C THR A 51 12.03 -25.87 -24.76
N VAL A 52 13.26 -25.38 -24.89
CA VAL A 52 13.53 -23.93 -24.69
C VAL A 52 14.30 -23.36 -25.88
N TRP A 53 13.98 -22.14 -26.30
CA TRP A 53 14.78 -21.47 -27.36
C TRP A 53 15.26 -20.11 -26.88
N ASN A 54 16.54 -19.80 -27.06
CA ASN A 54 17.02 -18.42 -26.76
C ASN A 54 17.83 -17.92 -27.95
N ARG A 55 17.72 -16.64 -28.28
CA ARG A 55 18.53 -16.05 -29.37
C ARG A 55 20.01 -16.14 -28.98
N THR A 56 20.32 -15.89 -27.70
CA THR A 56 21.72 -15.88 -27.24
C THR A 56 22.04 -17.19 -26.54
N ALA A 57 23.14 -17.82 -26.93
CA ALA A 57 23.52 -19.14 -26.36
C ALA A 57 23.94 -19.08 -24.89
N GLY A 58 23.69 -20.14 -24.13
CA GLY A 58 24.12 -20.25 -22.73
C GLY A 58 23.13 -19.74 -21.71
N ARG A 59 22.04 -19.10 -22.15
CA ARG A 59 20.97 -18.72 -21.21
C ARG A 59 20.33 -20.00 -20.63
N GLY A 60 20.13 -21.01 -21.47
CA GLY A 60 19.41 -22.24 -21.06
C GLY A 60 20.26 -23.40 -20.59
N GLU A 61 21.58 -23.22 -20.47
CA GLU A 61 22.46 -24.38 -20.16
C GLU A 61 22.10 -25.01 -18.80
N ASP A 62 21.80 -24.19 -17.79
CA ASP A 62 21.37 -24.74 -16.48
C ASP A 62 20.10 -25.57 -16.65
N LEU A 63 19.17 -25.09 -17.49
CA LEU A 63 17.89 -25.82 -17.69
C LEU A 63 18.16 -27.11 -18.47
N VAL A 64 19.05 -27.08 -19.47
CA VAL A 64 19.36 -28.30 -20.21
C VAL A 64 20.00 -29.32 -19.28
N ALA A 65 20.84 -28.87 -18.35
CA ALA A 65 21.40 -29.77 -17.36
C ALA A 65 20.33 -30.37 -16.45
N ARG A 66 19.17 -29.70 -16.32
CA ARG A 66 18.07 -30.19 -15.50
C ARG A 66 17.04 -30.97 -16.29
N GLY A 67 17.26 -31.19 -17.58
CA GLY A 67 16.38 -32.02 -18.39
C GLY A 67 15.78 -31.35 -19.60
N ALA A 68 15.83 -30.01 -19.70
CA ALA A 68 15.29 -29.33 -20.86
C ALA A 68 16.07 -29.68 -22.12
N THR A 69 15.41 -29.57 -23.26
CA THR A 69 16.02 -29.78 -24.56
C THR A 69 16.10 -28.43 -25.27
N LEU A 70 17.30 -28.00 -25.60
CA LEU A 70 17.50 -26.75 -26.33
C LEU A 70 17.23 -26.97 -27.81
N ALA A 71 16.49 -26.04 -28.40
CA ALA A 71 16.11 -26.11 -29.81
C ALA A 71 16.96 -25.17 -30.64
N ALA A 72 17.17 -25.55 -31.91
CA ALA A 72 17.97 -24.74 -32.82
C ALA A 72 17.22 -23.48 -33.24
N SER A 73 16.07 -23.66 -33.87
CA SER A 73 15.27 -22.58 -34.42
C SER A 73 13.99 -22.38 -33.62
N PRO A 74 13.39 -21.19 -33.69
CA PRO A 74 12.04 -21.04 -33.11
C PRO A 74 11.04 -22.00 -33.72
N ALA A 75 11.12 -22.22 -35.04
CA ALA A 75 10.20 -23.15 -35.69
C ALA A 75 10.31 -24.55 -35.11
N GLU A 76 11.53 -25.02 -34.88
CA GLU A 76 11.72 -26.33 -34.26
C GLU A 76 11.22 -26.34 -32.83
N ALA A 77 11.50 -25.27 -32.07
CA ALA A 77 11.01 -25.17 -30.69
C ALA A 77 9.50 -25.26 -30.64
N VAL A 78 8.81 -24.52 -31.53
CA VAL A 78 7.36 -24.54 -31.56
C VAL A 78 6.85 -25.95 -31.79
N ARG A 79 7.47 -26.68 -32.73
CA ARG A 79 7.01 -28.02 -33.09
C ARG A 79 7.15 -29.02 -31.95
N ALA A 80 7.94 -28.71 -30.93
CA ALA A 80 8.14 -29.62 -29.82
C ALA A 80 7.06 -29.52 -28.75
N GLY A 81 6.13 -28.59 -28.86
CA GLY A 81 5.19 -28.32 -27.78
C GLY A 81 3.75 -28.18 -28.25
N GLU A 82 2.84 -28.73 -27.45
CA GLU A 82 1.42 -28.41 -27.60
C GLU A 82 1.11 -27.03 -27.02
N VAL A 83 1.80 -26.67 -25.94
CA VAL A 83 1.66 -25.36 -25.31
C VAL A 83 2.96 -24.60 -25.53
N VAL A 84 2.85 -23.39 -26.06
CA VAL A 84 4.00 -22.56 -26.39
C VAL A 84 3.90 -21.28 -25.59
N LEU A 85 4.80 -21.12 -24.62
CA LEU A 85 4.92 -19.88 -23.86
C LEU A 85 5.96 -18.98 -24.52
N VAL A 86 5.56 -17.75 -24.82
CA VAL A 86 6.47 -16.74 -25.36
C VAL A 86 6.75 -15.71 -24.27
N CYS A 87 8.03 -15.47 -24.01
CA CYS A 87 8.44 -14.59 -22.93
C CYS A 87 9.47 -13.57 -23.41
N VAL A 88 9.32 -13.11 -24.64
CA VAL A 88 10.19 -12.07 -25.18
C VAL A 88 9.62 -10.73 -24.74
N VAL A 89 10.45 -9.91 -24.11
CA VAL A 89 9.93 -8.73 -23.41
C VAL A 89 9.65 -7.59 -24.39
N ASP A 90 10.35 -7.53 -25.51
CA ASP A 90 10.19 -6.43 -26.43
C ASP A 90 9.20 -6.84 -27.51
N TYR A 91 8.35 -5.88 -27.90
CA TYR A 91 7.22 -6.21 -28.77
C TYR A 91 7.68 -6.56 -30.19
N ALA A 92 8.53 -5.72 -30.79
CA ALA A 92 8.99 -5.97 -32.15
C ALA A 92 9.70 -7.31 -32.25
N ALA A 93 10.57 -7.61 -31.29
CA ALA A 93 11.28 -8.89 -31.31
C ALA A 93 10.34 -10.07 -31.21
N SER A 94 9.36 -9.99 -30.31
CA SER A 94 8.38 -11.06 -30.17
C SER A 94 7.61 -11.28 -31.47
N GLN A 95 7.16 -10.20 -32.10
CA GLN A 95 6.40 -10.32 -33.34
C GLN A 95 7.27 -10.87 -34.46
N ALA A 96 8.52 -10.43 -34.55
CA ALA A 96 9.42 -10.89 -35.59
C ALA A 96 9.77 -12.36 -35.46
N ILE A 97 9.64 -12.92 -34.26
CA ILE A 97 9.86 -14.35 -34.06
C ILE A 97 8.61 -15.17 -34.33
N LEU A 98 7.44 -14.70 -33.87
CA LEU A 98 6.25 -15.53 -33.91
C LEU A 98 5.57 -15.55 -35.28
N GLU A 99 5.50 -14.41 -35.96
CA GLU A 99 4.76 -14.36 -37.22
C GLU A 99 5.34 -15.26 -38.31
N PRO A 100 6.65 -15.33 -38.53
CA PRO A 100 7.17 -16.25 -39.56
C PRO A 100 6.94 -17.72 -39.28
N VAL A 101 6.61 -18.10 -38.04
CA VAL A 101 6.38 -19.51 -37.71
C VAL A 101 4.92 -19.74 -37.37
N ALA A 102 4.03 -18.92 -37.91
CA ALA A 102 2.60 -19.06 -37.62
C ALA A 102 2.06 -20.40 -38.08
N ALA A 103 2.63 -20.97 -39.15
CA ALA A 103 2.13 -22.24 -39.67
C ALA A 103 2.40 -23.38 -38.70
N ASP A 104 3.53 -23.33 -38.00
CA ASP A 104 3.83 -24.36 -37.01
C ASP A 104 3.00 -24.17 -35.74
N LEU A 105 2.56 -22.94 -35.47
CA LEU A 105 1.76 -22.67 -34.29
C LEU A 105 0.33 -23.15 -34.43
N ALA A 106 -0.14 -23.36 -35.65
CA ALA A 106 -1.52 -23.75 -35.88
C ALA A 106 -1.82 -25.09 -35.24
N GLY A 107 -2.95 -25.18 -34.54
CA GLY A 107 -3.30 -26.37 -33.81
C GLY A 107 -2.67 -26.48 -32.43
N ARG A 108 -1.82 -25.53 -32.04
CA ARG A 108 -1.24 -25.50 -30.71
C ARG A 108 -1.82 -24.34 -29.93
N VAL A 109 -1.47 -24.30 -28.64
CA VAL A 109 -1.90 -23.24 -27.73
C VAL A 109 -0.72 -22.29 -27.53
N LEU A 110 -0.91 -21.03 -27.89
CA LEU A 110 0.11 -20.01 -27.73
C LEU A 110 -0.24 -19.12 -26.53
N VAL A 111 0.70 -19.01 -25.59
CA VAL A 111 0.50 -18.26 -24.36
C VAL A 111 1.58 -17.18 -24.27
N ASN A 112 1.16 -15.92 -24.34
CA ASN A 112 2.05 -14.76 -24.22
C ASN A 112 2.01 -14.27 -22.78
N VAL A 113 3.18 -14.26 -22.13
CA VAL A 113 3.26 -13.98 -20.70
C VAL A 113 3.80 -12.59 -20.38
N THR A 114 4.25 -11.84 -21.38
CA THR A 114 4.89 -10.54 -21.13
C THR A 114 3.86 -9.46 -20.80
N SER A 115 4.30 -8.47 -20.02
CA SER A 115 3.44 -7.38 -19.58
C SER A 115 3.41 -6.28 -20.63
N ASP A 116 2.21 -6.01 -21.16
CA ASP A 116 2.01 -4.98 -22.18
C ASP A 116 0.75 -4.17 -21.88
N SER A 117 0.06 -3.72 -22.92
CA SER A 117 -1.22 -3.05 -22.78
C SER A 117 -2.36 -3.95 -23.23
N PRO A 118 -3.58 -3.72 -22.72
CA PRO A 118 -4.73 -4.54 -23.15
C PRO A 118 -5.00 -4.52 -24.64
N GLU A 119 -4.68 -3.43 -25.34
CA GLU A 119 -4.92 -3.40 -26.79
C GLU A 119 -3.97 -4.32 -27.53
N ARG A 120 -2.69 -4.32 -27.16
CA ARG A 120 -1.73 -5.25 -27.76
C ARG A 120 -2.21 -6.69 -27.66
N ALA A 121 -2.84 -7.04 -26.53
CA ALA A 121 -3.29 -8.42 -26.35
C ALA A 121 -4.43 -8.77 -27.29
N ARG A 122 -5.31 -7.80 -27.59
CA ARG A 122 -6.40 -8.06 -28.52
C ARG A 122 -5.90 -8.08 -29.96
N GLU A 123 -4.94 -7.23 -30.29
CA GLU A 123 -4.38 -7.25 -31.63
C GLU A 123 -3.63 -8.55 -31.90
N ALA A 124 -2.86 -9.02 -30.90
CA ALA A 124 -2.24 -10.33 -31.01
C ALA A 124 -3.30 -11.42 -31.10
N ALA A 125 -4.43 -11.24 -30.41
CA ALA A 125 -5.51 -12.22 -30.49
C ALA A 125 -6.09 -12.29 -31.89
N LYS A 126 -6.21 -11.15 -32.57
CA LYS A 126 -6.78 -11.14 -33.91
C LYS A 126 -5.85 -11.81 -34.92
N TRP A 127 -4.54 -11.67 -34.74
CA TRP A 127 -3.59 -12.39 -35.58
C TRP A 127 -3.72 -13.90 -35.39
N ALA A 128 -3.89 -14.34 -34.14
CA ALA A 128 -3.82 -15.77 -33.85
C ALA A 128 -4.99 -16.54 -34.43
N ASP A 129 -6.20 -15.97 -34.42
CA ASP A 129 -7.34 -16.73 -34.94
C ASP A 129 -7.42 -16.68 -36.46
N GLY A 130 -6.81 -15.68 -37.09
CA GLY A 130 -6.66 -15.71 -38.54
C GLY A 130 -5.76 -16.82 -39.02
N HIS A 131 -4.93 -17.37 -38.14
CA HIS A 131 -4.03 -18.48 -38.47
C HIS A 131 -4.38 -19.75 -37.71
N GLY A 132 -5.54 -19.80 -37.06
CA GLY A 132 -5.99 -21.00 -36.39
C GLY A 132 -5.21 -21.36 -35.14
N ILE A 133 -4.77 -20.36 -34.38
CA ILE A 133 -4.02 -20.56 -33.15
C ILE A 133 -4.92 -20.22 -31.97
N ARG A 134 -5.06 -21.17 -31.04
CA ARG A 134 -5.73 -20.91 -29.77
C ARG A 134 -4.80 -20.09 -28.88
N TYR A 135 -5.25 -18.88 -28.51
CA TYR A 135 -4.38 -17.88 -27.92
C TYR A 135 -4.84 -17.51 -26.53
N LEU A 136 -3.91 -17.55 -25.57
CA LEU A 136 -4.14 -17.08 -24.21
C LEU A 136 -3.13 -15.99 -23.91
N ASP A 137 -3.59 -14.85 -23.40
CA ASP A 137 -2.71 -13.78 -22.95
C ASP A 137 -2.59 -13.86 -21.44
N GLY A 138 -1.35 -13.84 -20.94
CA GLY A 138 -1.12 -14.02 -19.52
C GLY A 138 -0.45 -12.85 -18.86
N ALA A 139 -0.51 -12.80 -17.53
CA ALA A 139 0.20 -11.79 -16.76
C ALA A 139 0.75 -12.44 -15.50
N VAL A 140 2.05 -12.27 -15.29
CA VAL A 140 2.71 -12.78 -14.09
C VAL A 140 2.67 -11.69 -13.03
N MET A 141 2.14 -12.03 -11.85
CA MET A 141 1.86 -11.04 -10.82
C MET A 141 2.78 -11.15 -9.62
N ILE A 142 3.69 -12.11 -9.60
CA ILE A 142 4.57 -12.32 -8.46
C ILE A 142 6.01 -12.22 -8.97
N PRO A 143 6.96 -11.92 -8.08
CA PRO A 143 8.38 -11.90 -8.49
C PRO A 143 8.78 -13.21 -9.15
N THR A 144 9.81 -13.13 -9.99
CA THR A 144 10.26 -14.31 -10.73
C THR A 144 10.66 -15.45 -9.79
N VAL A 145 11.12 -15.13 -8.58
CA VAL A 145 11.54 -16.19 -7.66
C VAL A 145 10.34 -16.98 -7.15
N MET A 146 9.15 -16.39 -7.15
CA MET A 146 7.96 -17.07 -6.68
C MET A 146 7.25 -17.87 -7.77
N VAL A 147 7.74 -17.80 -9.01
CA VAL A 147 7.12 -18.55 -10.10
C VAL A 147 7.21 -20.04 -9.80
N GLY A 148 6.07 -20.74 -9.93
CA GLY A 148 5.99 -22.15 -9.65
C GLY A 148 5.44 -22.50 -8.28
N SER A 149 5.34 -21.55 -7.36
CA SER A 149 4.87 -21.86 -6.02
C SER A 149 3.34 -21.96 -6.01
N THR A 150 2.82 -22.58 -4.94
CA THR A 150 1.39 -22.70 -4.77
C THR A 150 0.72 -21.33 -4.61
N ASP A 151 1.42 -20.38 -3.99
CA ASP A 151 0.87 -19.05 -3.75
C ASP A 151 0.88 -18.16 -4.98
N ALA A 152 1.61 -18.54 -6.03
CA ALA A 152 1.84 -17.65 -7.16
C ALA A 152 0.57 -17.37 -7.93
N LEU A 153 0.32 -16.10 -8.23
CA LEU A 153 -0.87 -15.67 -8.95
C LEU A 153 -0.49 -15.35 -10.40
N LEU A 154 -1.28 -15.87 -11.34
CA LEU A 154 -1.12 -15.57 -12.75
C LEU A 154 -2.50 -15.40 -13.38
N PHE A 155 -2.64 -14.36 -14.20
CA PHE A 155 -3.90 -14.04 -14.86
C PHE A 155 -3.89 -14.60 -16.29
N TYR A 156 -5.03 -15.11 -16.73
CA TYR A 156 -5.17 -15.65 -18.07
C TYR A 156 -6.46 -15.17 -18.70
N ALA A 157 -6.40 -14.83 -19.99
CA ALA A 157 -7.56 -14.37 -20.74
C ALA A 157 -7.46 -14.88 -22.16
N GLY A 158 -8.57 -15.40 -22.69
CA GLY A 158 -8.60 -15.83 -24.07
C GLY A 158 -9.41 -17.09 -24.31
N ASP A 159 -8.88 -17.98 -25.13
CA ASP A 159 -9.59 -19.22 -25.47
C ASP A 159 -9.82 -20.05 -24.22
N LYS A 160 -11.09 -20.28 -23.89
CA LYS A 160 -11.43 -20.98 -22.66
C LYS A 160 -11.09 -22.46 -22.73
N SER A 161 -11.39 -23.09 -23.87
CA SER A 161 -11.09 -24.51 -24.01
C SER A 161 -9.60 -24.79 -23.94
N ALA A 162 -8.77 -23.85 -24.40
CA ALA A 162 -7.33 -24.01 -24.27
C ALA A 162 -6.89 -23.98 -22.82
N TYR A 163 -7.45 -23.05 -22.03
CA TYR A 163 -7.08 -22.98 -20.61
C TYR A 163 -7.55 -24.23 -19.86
N ASP A 164 -8.77 -24.69 -20.16
CA ASP A 164 -9.30 -25.83 -19.43
C ASP A 164 -8.56 -27.12 -19.79
N GLU A 165 -8.15 -27.26 -21.06
CA GLU A 165 -7.46 -28.47 -21.47
C GLU A 165 -6.11 -28.61 -20.78
N HIS A 166 -5.37 -27.51 -20.65
CA HIS A 166 -4.04 -27.51 -20.06
C HIS A 166 -4.01 -26.76 -18.73
N GLU A 167 -5.07 -26.92 -17.92
CA GLU A 167 -5.14 -26.20 -16.65
C GLU A 167 -4.01 -26.60 -15.71
N GLN A 168 -3.69 -27.89 -15.65
CA GLN A 168 -2.65 -28.35 -14.74
C GLN A 168 -1.28 -27.78 -15.10
N VAL A 169 -1.04 -27.52 -16.39
CA VAL A 169 0.21 -26.88 -16.78
C VAL A 169 0.30 -25.47 -16.18
N PHE A 170 -0.81 -24.74 -16.22
CA PHE A 170 -0.80 -23.33 -15.74
C PHE A 170 -0.77 -23.31 -14.22
N THR A 171 -1.38 -24.31 -13.59
CA THR A 171 -1.33 -24.42 -12.12
C THR A 171 0.12 -24.62 -11.71
N SER A 172 0.86 -25.39 -12.49
CA SER A 172 2.30 -25.58 -12.18
C SER A 172 3.04 -24.23 -12.25
N LEU A 173 2.75 -23.39 -13.25
CA LEU A 173 3.39 -22.05 -13.23
C LEU A 173 2.89 -21.23 -12.03
N GLY A 174 1.58 -21.22 -11.76
CA GLY A 174 1.04 -20.56 -10.55
C GLY A 174 -0.01 -21.39 -9.86
N GLY A 175 0.10 -21.62 -8.56
CA GLY A 175 -0.94 -22.34 -7.81
C GLY A 175 -2.23 -21.53 -7.82
N GLN A 176 -2.11 -20.21 -7.71
CA GLN A 176 -3.29 -19.30 -7.61
C GLN A 176 -3.66 -18.78 -9.00
N SER A 177 -3.08 -19.34 -10.06
CA SER A 177 -3.31 -18.81 -11.41
C SER A 177 -4.81 -18.86 -11.74
N ALA A 178 -5.34 -17.80 -12.35
CA ALA A 178 -6.81 -17.72 -12.58
C ALA A 178 -7.14 -17.26 -14.00
N TYR A 179 -8.27 -17.76 -14.53
CA TYR A 179 -8.75 -17.31 -15.86
C TYR A 179 -9.73 -16.18 -15.59
N VAL A 180 -9.70 -15.13 -16.42
CA VAL A 180 -10.50 -13.94 -16.16
C VAL A 180 -11.45 -13.59 -17.31
N GLY A 181 -11.56 -14.46 -18.31
CA GLY A 181 -12.56 -14.27 -19.34
C GLY A 181 -12.01 -14.49 -20.75
N ALA A 182 -12.94 -14.44 -21.70
CA ALA A 182 -12.62 -14.72 -23.10
C ALA A 182 -12.05 -13.51 -23.82
N ASP A 183 -12.38 -12.30 -23.37
CA ASP A 183 -11.75 -11.11 -23.93
C ASP A 183 -10.27 -11.13 -23.57
N HIS A 184 -9.41 -11.19 -24.59
CA HIS A 184 -7.99 -11.45 -24.37
C HIS A 184 -7.29 -10.30 -23.66
N GLY A 185 -7.86 -9.10 -23.67
CA GLY A 185 -7.30 -7.98 -22.95
C GLY A 185 -7.59 -7.94 -21.47
N LEU A 186 -8.39 -8.88 -20.96
CA LEU A 186 -8.81 -8.83 -19.56
C LEU A 186 -7.66 -9.17 -18.62
N ALA A 187 -6.72 -10.02 -19.06
CA ALA A 187 -5.56 -10.31 -18.23
C ALA A 187 -4.76 -9.05 -17.95
N ALA A 188 -4.55 -8.21 -18.98
CA ALA A 188 -3.82 -6.97 -18.77
C ALA A 188 -4.61 -5.98 -17.94
N VAL A 189 -5.94 -5.95 -18.12
CA VAL A 189 -6.78 -5.06 -17.31
C VAL A 189 -6.63 -5.40 -15.83
N TYR A 190 -6.81 -6.67 -15.49
CA TYR A 190 -6.58 -7.11 -14.10
C TYR A 190 -5.15 -6.79 -13.66
N GLU A 191 -4.17 -7.04 -14.53
CA GLU A 191 -2.77 -6.79 -14.18
C GLU A 191 -2.51 -5.32 -13.89
N LEU A 192 -2.92 -4.44 -14.80
CA LEU A 192 -2.63 -3.01 -14.64
C LEU A 192 -3.36 -2.43 -13.43
N SER A 193 -4.51 -2.98 -13.07
CA SER A 193 -5.23 -2.48 -11.90
C SER A 193 -4.48 -2.79 -10.62
N MET A 194 -3.94 -4.00 -10.49
CA MET A 194 -3.26 -4.38 -9.25
C MET A 194 -1.91 -3.68 -9.11
N ILE A 195 -1.13 -3.61 -10.18
CA ILE A 195 0.21 -3.03 -10.07
C ILE A 195 0.17 -1.51 -10.02
N ASP A 196 -0.94 -0.89 -10.42
CA ASP A 196 -1.19 0.50 -10.04
C ASP A 196 -1.19 0.63 -8.52
N PHE A 197 -1.92 -0.26 -7.84
CA PHE A 197 -1.95 -0.27 -6.38
C PHE A 197 -0.57 -0.60 -5.79
N PHE A 198 0.10 -1.61 -6.34
CA PHE A 198 1.35 -2.08 -5.75
C PHE A 198 2.44 -1.03 -5.81
N TRP A 199 2.69 -0.46 -7.00
CA TRP A 199 3.80 0.45 -7.16
C TRP A 199 3.58 1.78 -6.44
N THR A 200 2.34 2.25 -6.38
CA THR A 200 2.05 3.44 -5.58
C THR A 200 2.28 3.17 -4.10
N SER A 201 1.91 1.97 -3.63
CA SER A 201 2.15 1.61 -2.24
C SER A 201 3.64 1.53 -1.93
N MET A 202 4.42 0.92 -2.82
CA MET A 202 5.86 0.85 -2.63
C MET A 202 6.49 2.24 -2.62
N SER A 203 5.93 3.16 -3.40
CA SER A 203 6.41 4.55 -3.39
C SER A 203 6.16 5.18 -2.02
N GLY A 204 4.96 4.99 -1.48
CA GLY A 204 4.66 5.52 -0.15
C GLY A 204 5.42 4.80 0.96
N LEU A 205 5.76 3.53 0.75
CA LEU A 205 6.53 2.80 1.75
C LEU A 205 7.94 3.38 1.89
N VAL A 206 8.62 3.56 0.75
CA VAL A 206 9.96 4.16 0.76
C VAL A 206 9.90 5.57 1.33
N HIS A 207 8.84 6.32 1.00
CA HIS A 207 8.78 7.72 1.41
C HIS A 207 8.57 7.85 2.92
N GLY A 208 7.72 7.00 3.49
CA GLY A 208 7.54 7.02 4.93
C GLY A 208 8.81 6.69 5.69
N TYR A 209 9.56 5.69 5.22
CA TYR A 209 10.84 5.36 5.82
C TYR A 209 11.80 6.54 5.76
N ALA A 210 11.87 7.20 4.59
CA ALA A 210 12.71 8.39 4.46
C ALA A 210 12.31 9.46 5.45
N LEU A 211 11.01 9.74 5.55
CA LEU A 211 10.53 10.75 6.49
C LEU A 211 10.99 10.45 7.90
N ALA A 212 10.84 9.20 8.33
CA ALA A 212 11.30 8.81 9.66
C ALA A 212 12.82 8.92 9.77
N ALA A 213 13.55 8.47 8.75
CA ALA A 213 15.01 8.52 8.80
C ALA A 213 15.52 9.94 9.01
N LYS A 214 14.78 10.94 8.54
CA LYS A 214 15.16 12.33 8.78
C LYS A 214 15.08 12.70 10.26
N ASP A 215 14.39 11.89 11.07
CA ASP A 215 14.34 12.09 12.52
C ASP A 215 15.08 11.01 13.27
N GLY A 216 15.96 10.26 12.60
CA GLY A 216 16.82 9.31 13.28
C GLY A 216 16.16 8.03 13.73
N VAL A 217 15.06 7.64 13.12
CA VAL A 217 14.36 6.40 13.46
C VAL A 217 14.68 5.37 12.39
N PRO A 218 15.24 4.21 12.74
CA PRO A 218 15.54 3.19 11.75
C PRO A 218 14.27 2.56 11.19
N ALA A 219 14.35 2.15 9.92
CA ALA A 219 13.19 1.60 9.24
C ALA A 219 12.69 0.31 9.91
N THR A 220 13.60 -0.49 10.48
CA THR A 220 13.18 -1.71 11.15
C THR A 220 12.51 -1.44 12.49
N SER A 221 12.55 -0.22 12.99
CA SER A 221 11.75 0.15 14.16
C SER A 221 10.29 0.38 13.77
N ILE A 222 10.06 0.85 12.54
CA ILE A 222 8.71 1.11 12.05
C ILE A 222 8.07 -0.13 11.47
N ALA A 223 8.87 -0.97 10.81
CA ALA A 223 8.36 -2.14 10.10
C ALA A 223 7.42 -3.01 10.92
N PRO A 224 7.69 -3.33 12.20
CA PRO A 224 6.73 -4.13 12.96
C PRO A 224 5.35 -3.49 13.07
N PHE A 225 5.29 -2.17 13.15
CA PHE A 225 4.00 -1.49 13.31
C PHE A 225 3.24 -1.35 12.01
N LEU A 226 3.92 -1.44 10.86
CA LEU A 226 3.22 -1.33 9.57
C LEU A 226 2.33 -2.52 9.29
N LYS A 227 2.46 -3.61 10.06
CA LYS A 227 1.53 -4.72 9.93
C LYS A 227 0.15 -4.39 10.47
N ALA A 228 0.04 -3.41 11.37
CA ALA A 228 -1.28 -2.95 11.81
C ALA A 228 -2.04 -2.30 10.67
N HIS A 229 -1.34 -1.52 9.84
CA HIS A 229 -1.96 -0.86 8.71
C HIS A 229 -2.10 -1.79 7.50
N ILE A 230 -1.36 -2.90 7.49
CA ILE A 230 -1.55 -3.89 6.43
C ILE A 230 -2.91 -4.58 6.58
N SER A 231 -3.24 -5.01 7.80
CA SER A 231 -4.54 -5.61 8.05
C SER A 231 -5.65 -4.58 7.86
N LEU A 232 -5.38 -3.32 8.19
CA LEU A 232 -6.33 -2.25 7.91
C LEU A 232 -6.54 -2.10 6.41
N LEU A 233 -5.45 -2.11 5.63
CA LEU A 233 -5.56 -2.04 4.18
C LEU A 233 -6.40 -3.18 3.62
N SER A 234 -6.22 -4.40 4.15
CA SER A 234 -6.99 -5.54 3.68
C SER A 234 -8.48 -5.31 3.82
N LEU A 235 -8.91 -4.66 4.91
CA LEU A 235 -10.32 -4.36 5.09
C LEU A 235 -10.78 -3.29 4.12
N LEU A 236 -9.99 -2.22 3.95
CA LEU A 236 -10.38 -1.13 3.06
C LEU A 236 -10.47 -1.60 1.61
N ILE A 237 -9.75 -2.65 1.25
CA ILE A 237 -9.78 -3.16 -0.12
C ILE A 237 -11.21 -3.53 -0.50
N GLU A 238 -11.91 -4.26 0.37
CA GLU A 238 -13.28 -4.63 0.07
C GLU A 238 -14.22 -3.45 0.19
N VAL A 239 -14.03 -2.60 1.21
CA VAL A 239 -14.94 -1.48 1.43
C VAL A 239 -14.84 -0.48 0.28
N THR A 240 -13.62 -0.16 -0.15
CA THR A 240 -13.45 0.73 -1.29
C THR A 240 -14.05 0.14 -2.56
N ALA A 241 -14.00 -1.19 -2.71
CA ALA A 241 -14.54 -1.81 -3.90
C ALA A 241 -16.06 -1.68 -3.96
N LYS A 242 -16.75 -1.93 -2.85
CA LYS A 242 -18.20 -1.79 -2.81
C LYS A 242 -18.64 -0.36 -3.10
N ASP A 243 -18.02 0.63 -2.44
CA ASP A 243 -18.38 2.02 -2.68
C ASP A 243 -18.16 2.40 -4.14
N LEU A 244 -17.08 1.88 -4.75
CA LEU A 244 -16.76 2.27 -6.12
C LEU A 244 -17.80 1.74 -7.09
N ASP A 245 -18.21 0.48 -6.94
CA ASP A 245 -19.22 -0.08 -7.83
C ASP A 245 -20.60 0.51 -7.55
N ALA A 246 -20.86 0.94 -6.31
CA ALA A 246 -22.14 1.53 -5.98
C ALA A 246 -22.28 2.97 -6.45
N GLY A 247 -21.16 3.65 -6.71
CA GLY A 247 -21.21 5.07 -7.01
C GLY A 247 -21.62 5.94 -5.84
N GLU A 248 -21.73 5.34 -4.65
CA GLU A 248 -22.08 6.12 -3.44
C GLU A 248 -20.96 5.97 -2.41
N TYR A 249 -20.41 7.09 -1.94
CA TYR A 249 -19.38 6.99 -0.87
C TYR A 249 -20.02 7.49 0.41
N PRO A 250 -20.24 6.61 1.40
CA PRO A 250 -20.93 6.98 2.63
C PRO A 250 -20.25 8.00 3.54
N GLY A 251 -18.94 7.89 3.72
CA GLY A 251 -18.25 8.75 4.69
C GLY A 251 -18.76 8.48 6.10
N ALA A 252 -19.19 7.24 6.37
CA ALA A 252 -19.77 6.91 7.69
C ALA A 252 -18.72 7.08 8.78
N SER A 253 -17.49 6.65 8.51
CA SER A 253 -16.40 6.88 9.50
C SER A 253 -15.33 7.76 8.81
N GLY A 254 -14.97 8.87 9.46
CA GLY A 254 -14.02 9.79 8.83
C GLY A 254 -14.74 10.68 7.83
N ASN A 255 -14.01 11.56 7.14
CA ASN A 255 -14.62 12.40 6.08
C ASN A 255 -13.49 12.85 5.17
N LEU A 256 -13.78 13.09 3.90
CA LEU A 256 -12.70 13.40 2.98
C LEU A 256 -11.99 14.69 3.37
N ALA A 257 -12.74 15.70 3.80
CA ALA A 257 -12.14 16.98 4.16
C ALA A 257 -11.15 16.84 5.29
N ALA A 258 -11.43 15.96 6.25
CA ALA A 258 -10.47 15.70 7.32
C ALA A 258 -9.29 14.89 6.80
N GLU A 259 -9.55 13.91 5.94
CA GLU A 259 -8.47 13.10 5.39
C GLU A 259 -7.51 13.93 4.55
N VAL A 260 -8.03 14.91 3.81
CA VAL A 260 -7.17 15.86 3.10
C VAL A 260 -6.28 16.60 4.09
N GLU A 261 -6.85 17.03 5.21
CA GLU A 261 -6.09 17.80 6.20
C GLU A 261 -4.92 16.98 6.76
N GLY A 262 -5.19 15.71 7.12
CA GLY A 262 -4.13 14.87 7.63
C GLY A 262 -3.01 14.64 6.64
N ILE A 263 -3.36 14.56 5.35
CA ILE A 263 -2.35 14.41 4.31
C ILE A 263 -1.49 15.66 4.23
N GLU A 264 -2.09 16.84 4.44
CA GLU A 264 -1.32 18.07 4.42
C GLU A 264 -0.32 18.14 5.57
N HIS A 265 -0.60 17.46 6.68
CA HIS A 265 0.37 17.37 7.77
C HIS A 265 1.60 16.59 7.33
N ILE A 266 1.40 15.50 6.58
CA ILE A 266 2.55 14.74 6.08
C ILE A 266 3.33 15.58 5.07
N LEU A 267 2.61 16.26 4.18
CA LEU A 267 3.26 17.19 3.27
C LEU A 267 4.12 18.17 4.06
N HIS A 268 3.50 18.89 5.00
CA HIS A 268 4.25 19.92 5.76
C HIS A 268 5.55 19.32 6.31
N ALA A 269 5.44 18.21 7.05
CA ALA A 269 6.66 17.66 7.69
C ALA A 269 7.71 17.21 6.65
N ALA A 270 7.26 16.55 5.58
CA ALA A 270 8.21 16.05 4.56
C ALA A 270 8.93 17.20 3.86
N GLU A 271 8.20 18.27 3.52
CA GLU A 271 8.81 19.44 2.81
C GLU A 271 9.86 20.07 3.75
N LEU A 272 9.55 20.13 5.05
CA LEU A 272 10.50 20.71 6.04
C LEU A 272 11.79 19.88 6.04
N ARG A 273 11.66 18.56 5.94
CA ARG A 273 12.85 17.67 5.97
C ARG A 273 13.56 17.60 4.61
N GLY A 274 13.18 18.44 3.64
CA GLY A 274 13.89 18.48 2.39
C GLY A 274 13.60 17.35 1.44
N LEU A 275 12.53 16.59 1.69
CA LEU A 275 12.15 15.49 0.83
C LEU A 275 11.35 15.95 -0.38
N ASP A 276 11.51 15.22 -1.47
CA ASP A 276 10.61 15.36 -2.62
C ASP A 276 9.20 14.97 -2.19
N VAL A 277 8.24 15.83 -2.50
CA VAL A 277 6.85 15.65 -2.09
C VAL A 277 5.90 15.63 -3.28
N SER A 278 6.43 15.33 -4.48
CA SER A 278 5.60 15.37 -5.68
C SER A 278 4.48 14.34 -5.64
N VAL A 279 4.72 13.18 -5.03
CA VAL A 279 3.67 12.17 -4.93
C VAL A 279 2.59 12.62 -3.95
N LEU A 280 2.98 13.03 -2.74
CA LEU A 280 2.01 13.46 -1.75
C LEU A 280 1.20 14.65 -2.26
N ARG A 281 1.85 15.58 -2.97
CA ARG A 281 1.12 16.70 -3.56
C ARG A 281 0.08 16.19 -4.55
N SER A 282 0.46 15.20 -5.37
CA SER A 282 -0.49 14.64 -6.32
C SER A 282 -1.62 13.90 -5.61
N VAL A 283 -1.29 13.14 -4.56
CA VAL A 283 -2.33 12.50 -3.75
C VAL A 283 -3.24 13.56 -3.13
N ARG A 284 -2.64 14.63 -2.59
CA ARG A 284 -3.43 15.72 -2.03
C ARG A 284 -4.29 16.39 -3.10
N ASP A 285 -3.75 16.56 -4.30
CA ASP A 285 -4.43 17.37 -5.31
C ASP A 285 -5.63 16.63 -5.90
N VAL A 286 -5.52 15.31 -6.07
CA VAL A 286 -6.67 14.54 -6.56
C VAL A 286 -7.78 14.53 -5.53
N ALA A 287 -7.42 14.43 -4.24
CA ALA A 287 -8.43 14.47 -3.19
C ALA A 287 -9.03 15.86 -3.05
N ARG A 288 -8.20 16.90 -3.23
CA ARG A 288 -8.71 18.26 -3.25
C ARG A 288 -9.73 18.45 -4.36
N ARG A 289 -9.45 17.89 -5.54
CA ARG A 289 -10.40 17.95 -6.65
C ARG A 289 -11.75 17.34 -6.28
N ALA A 290 -11.74 16.19 -5.60
CA ALA A 290 -12.99 15.56 -5.20
C ALA A 290 -13.73 16.43 -4.19
N VAL A 291 -13.00 17.06 -3.27
CA VAL A 291 -13.61 18.01 -2.35
C VAL A 291 -14.23 19.16 -3.12
N ASP A 292 -13.53 19.66 -4.14
CA ASP A 292 -14.06 20.76 -4.94
C ASP A 292 -15.29 20.35 -5.73
N LEU A 293 -15.45 19.06 -6.03
CA LEU A 293 -16.65 18.56 -6.67
C LEU A 293 -17.76 18.23 -5.68
N GLY A 294 -17.64 18.63 -4.42
CA GLY A 294 -18.72 18.54 -3.46
C GLY A 294 -18.71 17.34 -2.53
N HIS A 295 -17.61 16.61 -2.42
CA HIS A 295 -17.56 15.37 -1.67
C HIS A 295 -16.84 15.50 -0.33
N GLY A 296 -16.79 16.72 0.23
CA GLY A 296 -16.05 16.93 1.46
C GLY A 296 -16.51 16.07 2.63
N ALA A 297 -17.78 15.67 2.64
CA ALA A 297 -18.31 14.85 3.72
C ALA A 297 -18.24 13.35 3.44
N ASP A 298 -17.87 12.96 2.22
CA ASP A 298 -17.86 11.56 1.83
C ASP A 298 -16.59 10.88 2.32
N SER A 299 -16.54 9.56 2.13
CA SER A 299 -15.38 8.77 2.53
C SER A 299 -14.25 8.95 1.51
N TRP A 300 -13.13 8.28 1.76
CA TRP A 300 -11.99 8.38 0.86
C TRP A 300 -12.31 7.84 -0.52
N SER A 301 -13.23 6.87 -0.62
CA SER A 301 -13.59 6.31 -1.91
C SER A 301 -14.05 7.37 -2.90
N ALA A 302 -14.57 8.50 -2.40
CA ALA A 302 -15.05 9.56 -3.26
C ALA A 302 -13.94 10.26 -4.04
N THR A 303 -12.67 9.98 -3.71
CA THR A 303 -11.57 10.55 -4.48
C THR A 303 -11.50 10.01 -5.91
N VAL A 304 -12.26 8.96 -6.23
CA VAL A 304 -12.31 8.49 -7.61
C VAL A 304 -12.88 9.55 -8.53
N GLU A 305 -13.73 10.44 -8.02
CA GLU A 305 -14.26 11.50 -8.85
C GLU A 305 -13.16 12.49 -9.24
N GLY A 306 -12.23 12.75 -8.32
CA GLY A 306 -11.09 13.57 -8.66
C GLY A 306 -10.17 12.90 -9.66
N ALA A 307 -10.03 11.57 -9.57
CA ALA A 307 -9.18 10.85 -10.50
C ALA A 307 -9.77 10.82 -11.91
N ARG A 308 -11.09 10.78 -12.03
CA ARG A 308 -11.73 10.69 -13.34
C ARG A 308 -11.94 12.04 -14.01
N ASN A 309 -11.98 13.12 -13.23
CA ASN A 309 -12.30 14.46 -13.75
C ASN A 309 -11.18 15.42 -13.36
N PRO A 310 -10.01 15.32 -14.01
CA PRO A 310 -8.88 16.21 -13.72
C PRO A 310 -9.04 17.58 -14.38
N ILE B 24 -8.40 1.79 41.66
CA ILE B 24 -8.49 2.02 40.23
C ILE B 24 -8.27 3.51 39.95
N THR B 25 -7.30 3.81 39.09
CA THR B 25 -6.85 5.17 38.87
C THR B 25 -7.92 6.01 38.17
N PRO B 26 -8.25 7.20 38.69
CA PRO B 26 -9.23 8.07 38.02
C PRO B 26 -8.62 8.79 36.83
N VAL B 27 -9.39 8.88 35.75
CA VAL B 27 -8.93 9.42 34.48
C VAL B 27 -9.85 10.55 34.03
N THR B 28 -9.26 11.58 33.43
CA THR B 28 -9.99 12.71 32.85
C THR B 28 -9.76 12.78 31.35
N VAL B 29 -10.83 12.98 30.59
CA VAL B 29 -10.77 13.17 29.14
C VAL B 29 -11.27 14.57 28.81
N ILE B 30 -10.41 15.38 28.19
CA ILE B 30 -10.73 16.75 27.84
C ILE B 30 -10.85 16.85 26.33
N GLY B 31 -12.06 17.18 25.85
CA GLY B 31 -12.34 17.23 24.44
C GLY B 31 -13.15 16.03 23.98
N LEU B 32 -14.39 16.27 23.57
CA LEU B 32 -15.31 15.21 23.22
C LEU B 32 -15.67 15.26 21.74
N GLY B 33 -14.67 15.43 20.88
CA GLY B 33 -14.85 15.14 19.47
C GLY B 33 -14.99 13.65 19.22
N ALA B 34 -14.82 13.22 17.97
CA ALA B 34 -14.92 11.80 17.65
C ALA B 34 -13.87 11.00 18.42
N MET B 35 -12.61 11.43 18.38
CA MET B 35 -11.53 10.72 19.07
C MET B 35 -11.75 10.72 20.57
N GLY B 36 -12.06 11.88 21.15
CA GLY B 36 -12.19 11.98 22.59
C GLY B 36 -13.32 11.13 23.16
N ARG B 37 -14.45 11.07 22.45
CA ARG B 37 -15.55 10.22 22.90
C ARG B 37 -15.13 8.76 22.92
N ALA B 38 -14.41 8.33 21.89
CA ALA B 38 -13.97 6.94 21.83
C ALA B 38 -12.96 6.61 22.92
N LEU B 39 -12.00 7.51 23.16
CA LEU B 39 -11.03 7.29 24.23
C LEU B 39 -11.71 7.19 25.58
N ALA B 40 -12.67 8.08 25.84
CA ALA B 40 -13.44 8.00 27.08
C ALA B 40 -14.27 6.72 27.12
N GLY B 41 -14.79 6.31 25.97
CA GLY B 41 -15.56 5.07 25.92
C GLY B 41 -14.71 3.85 26.26
N ALA B 42 -13.49 3.79 25.74
CA ALA B 42 -12.60 2.68 26.05
C ALA B 42 -12.29 2.63 27.55
N LEU B 43 -12.07 3.78 28.16
CA LEU B 43 -11.79 3.82 29.59
C LEU B 43 -13.00 3.38 30.40
N LEU B 44 -14.20 3.79 30.00
CA LEU B 44 -15.41 3.32 30.67
C LEU B 44 -15.59 1.82 30.51
N ASP B 45 -15.29 1.29 29.31
CA ASP B 45 -15.38 -0.14 29.08
C ASP B 45 -14.47 -0.91 30.03
N ALA B 46 -13.26 -0.39 30.26
CA ALA B 46 -12.29 -1.07 31.11
C ALA B 46 -12.55 -0.89 32.60
N GLY B 47 -13.41 0.04 32.99
CA GLY B 47 -13.77 0.20 34.38
C GLY B 47 -13.06 1.30 35.13
N TYR B 48 -12.54 2.31 34.43
CA TYR B 48 -11.86 3.38 35.15
C TYR B 48 -12.85 4.49 35.53
N PRO B 49 -12.67 5.11 36.69
CA PRO B 49 -13.44 6.34 36.98
C PRO B 49 -13.07 7.43 35.99
N THR B 50 -14.06 7.89 35.24
CA THR B 50 -13.83 8.80 34.13
C THR B 50 -14.58 10.11 34.34
N THR B 51 -13.86 11.21 34.19
CA THR B 51 -14.44 12.55 34.15
C THR B 51 -14.19 13.14 32.77
N VAL B 52 -15.21 13.78 32.21
CA VAL B 52 -15.11 14.30 30.81
C VAL B 52 -15.49 15.79 30.75
N TRP B 53 -14.87 16.54 29.85
CA TRP B 53 -15.22 17.98 29.67
C TRP B 53 -15.24 18.33 28.19
N ASN B 54 -16.28 19.03 27.73
CA ASN B 54 -16.31 19.51 26.32
C ASN B 54 -16.69 20.98 26.26
N ARG B 55 -16.12 21.73 25.32
CA ARG B 55 -16.52 23.14 25.11
C ARG B 55 -17.98 23.19 24.66
N THR B 56 -18.40 22.24 23.82
CA THR B 56 -19.77 22.28 23.25
C THR B 56 -20.68 21.38 24.06
N ALA B 57 -21.84 21.90 24.47
CA ALA B 57 -22.79 21.16 25.33
C ALA B 57 -23.42 19.95 24.64
N GLY B 58 -23.65 18.88 25.40
CA GLY B 58 -24.35 17.67 24.88
C GLY B 58 -23.44 16.71 24.15
N ARG B 59 -22.16 17.04 24.04
CA ARG B 59 -21.19 16.10 23.42
C ARG B 59 -21.05 14.83 24.27
N GLY B 60 -21.04 14.95 25.60
CA GLY B 60 -20.77 13.77 26.45
C GLY B 60 -21.96 13.23 27.20
N GLU B 61 -23.17 13.52 26.74
CA GLU B 61 -24.39 12.97 27.39
C GLU B 61 -24.43 11.43 27.32
N ASP B 62 -24.03 10.84 26.18
CA ASP B 62 -24.00 9.36 26.06
C ASP B 62 -22.99 8.80 27.08
N LEU B 63 -21.85 9.47 27.22
CA LEU B 63 -20.81 8.99 28.16
C LEU B 63 -21.32 9.14 29.60
N VAL B 64 -21.96 10.28 29.89
CA VAL B 64 -22.50 10.48 31.24
C VAL B 64 -23.55 9.41 31.56
N ALA B 65 -24.36 9.05 30.56
CA ALA B 65 -25.32 7.97 30.74
C ALA B 65 -24.64 6.63 30.99
N ARG B 66 -23.39 6.47 30.55
CA ARG B 66 -22.65 5.22 30.73
C ARG B 66 -21.76 5.22 31.97
N GLY B 67 -21.80 6.28 32.78
CA GLY B 67 -21.07 6.34 34.04
C GLY B 67 -20.10 7.48 34.16
N ALA B 68 -19.72 8.12 33.05
CA ALA B 68 -18.81 9.25 33.12
C ALA B 68 -19.42 10.41 33.89
N THR B 69 -18.56 11.25 34.45
CA THR B 69 -18.98 12.44 35.17
C THR B 69 -18.56 13.67 34.36
N LEU B 70 -19.54 14.48 33.97
CA LEU B 70 -19.23 15.71 33.24
C LEU B 70 -18.78 16.78 34.22
N ALA B 71 -17.71 17.48 33.84
CA ALA B 71 -17.15 18.54 34.67
C ALA B 71 -17.55 19.90 34.11
N ALA B 72 -17.69 20.87 35.01
CA ALA B 72 -18.07 22.21 34.60
C ALA B 72 -16.92 22.92 33.91
N SER B 73 -15.79 23.05 34.60
CA SER B 73 -14.63 23.79 34.14
C SER B 73 -13.49 22.84 33.78
N PRO B 74 -12.57 23.29 32.92
CA PRO B 74 -11.35 22.49 32.69
C PRO B 74 -10.58 22.22 33.97
N ALA B 75 -10.49 23.22 34.86
CA ALA B 75 -9.80 23.02 36.13
C ALA B 75 -10.45 21.91 36.96
N GLU B 76 -11.77 21.87 36.99
CA GLU B 76 -12.46 20.81 37.73
C GLU B 76 -12.19 19.45 37.12
N ALA B 77 -12.24 19.36 35.79
CA ALA B 77 -11.92 18.10 35.11
C ALA B 77 -10.51 17.64 35.44
N VAL B 78 -9.53 18.55 35.36
CA VAL B 78 -8.14 18.21 35.64
C VAL B 78 -8.00 17.67 37.05
N ARG B 79 -8.63 18.33 38.03
CA ARG B 79 -8.50 17.93 39.42
C ARG B 79 -9.12 16.56 39.70
N ALA B 80 -9.97 16.07 38.81
CA ALA B 80 -10.63 14.78 39.00
C ALA B 80 -9.78 13.60 38.53
N GLY B 81 -8.63 13.84 37.94
CA GLY B 81 -7.87 12.76 37.32
C GLY B 81 -6.40 12.77 37.69
N GLU B 82 -5.86 11.57 37.91
CA GLU B 82 -4.41 11.41 37.98
C GLU B 82 -3.79 11.44 36.59
N VAL B 83 -4.50 10.91 35.60
CA VAL B 83 -4.09 10.95 34.19
C VAL B 83 -5.08 11.83 33.44
N VAL B 84 -4.57 12.78 32.68
CA VAL B 84 -5.39 13.73 31.93
C VAL B 84 -5.09 13.56 30.44
N LEU B 85 -6.06 13.03 29.69
CA LEU B 85 -5.95 12.95 28.23
C LEU B 85 -6.57 14.19 27.61
N VAL B 86 -5.80 14.86 26.74
CA VAL B 86 -6.28 15.99 25.96
C VAL B 86 -6.45 15.52 24.52
N CYS B 87 -7.63 15.76 23.95
CA CYS B 87 -8.01 15.25 22.64
C CYS B 87 -8.63 16.34 21.78
N VAL B 88 -8.07 17.55 21.83
CA VAL B 88 -8.56 18.66 21.02
C VAL B 88 -7.94 18.50 19.63
N VAL B 89 -8.29 19.36 18.69
CA VAL B 89 -7.88 19.17 17.30
C VAL B 89 -6.56 19.88 16.98
N ASP B 90 -6.39 21.11 17.44
CA ASP B 90 -5.23 21.93 17.13
C ASP B 90 -4.38 22.16 18.37
N TYR B 91 -3.07 22.27 18.17
CA TYR B 91 -2.17 22.36 19.31
C TYR B 91 -2.37 23.67 20.07
N ALA B 92 -2.53 24.78 19.35
CA ALA B 92 -2.83 26.04 20.02
C ALA B 92 -4.10 25.91 20.86
N ALA B 93 -5.13 25.25 20.32
CA ALA B 93 -6.36 25.05 21.06
C ALA B 93 -6.11 24.22 22.32
N SER B 94 -5.31 23.16 22.21
CA SER B 94 -4.94 22.38 23.38
C SER B 94 -4.24 23.26 24.42
N GLN B 95 -3.30 24.09 23.96
CA GLN B 95 -2.61 24.96 24.89
C GLN B 95 -3.56 25.99 25.50
N ALA B 96 -4.45 26.55 24.70
CA ALA B 96 -5.34 27.59 25.21
C ALA B 96 -6.25 27.07 26.32
N ILE B 97 -6.48 25.77 26.38
CA ILE B 97 -7.19 25.17 27.50
C ILE B 97 -6.24 24.84 28.64
N LEU B 98 -5.03 24.34 28.32
CA LEU B 98 -4.14 23.81 29.34
C LEU B 98 -3.40 24.91 30.10
N GLU B 99 -2.97 25.98 29.41
CA GLU B 99 -2.18 27.01 30.10
C GLU B 99 -2.92 27.69 31.25
N PRO B 100 -4.22 28.05 31.14
CA PRO B 100 -4.90 28.63 32.30
C PRO B 100 -5.07 27.66 33.47
N VAL B 101 -4.94 26.36 33.26
CA VAL B 101 -5.08 25.38 34.35
C VAL B 101 -3.76 24.68 34.60
N ALA B 102 -2.64 25.34 34.25
CA ALA B 102 -1.32 24.72 34.42
C ALA B 102 -1.02 24.39 35.87
N ALA B 103 -1.53 25.19 36.81
CA ALA B 103 -1.23 24.95 38.22
C ALA B 103 -1.87 23.67 38.74
N ASP B 104 -3.06 23.32 38.24
CA ASP B 104 -3.72 22.10 38.68
C ASP B 104 -3.08 20.85 38.09
N LEU B 105 -2.42 20.97 36.93
CA LEU B 105 -1.80 19.81 36.30
C LEU B 105 -0.50 19.41 36.97
N ALA B 106 0.12 20.29 37.75
CA ALA B 106 1.43 20.00 38.33
C ALA B 106 1.35 18.79 39.24
N GLY B 107 2.31 17.87 39.08
CA GLY B 107 2.29 16.64 39.82
C GLY B 107 1.43 15.55 39.24
N ARG B 108 0.74 15.80 38.13
CA ARG B 108 -0.10 14.82 37.46
C ARG B 108 0.54 14.38 36.14
N VAL B 109 -0.09 13.40 35.51
CA VAL B 109 0.33 12.88 34.21
C VAL B 109 -0.60 13.45 33.15
N LEU B 110 -0.05 14.21 32.21
CA LEU B 110 -0.80 14.79 31.11
C LEU B 110 -0.46 14.05 29.82
N VAL B 111 -1.49 13.60 29.10
CA VAL B 111 -1.32 12.87 27.86
C VAL B 111 -2.03 13.64 26.76
N ASN B 112 -1.26 14.20 25.83
CA ASN B 112 -1.81 14.92 24.70
C ASN B 112 -1.88 13.97 23.51
N VAL B 113 -3.09 13.72 23.01
CA VAL B 113 -3.34 12.67 22.02
C VAL B 113 -3.61 13.24 20.62
N THR B 114 -3.69 14.56 20.49
CA THR B 114 -4.07 15.23 19.24
C THR B 114 -2.97 15.15 18.18
N SER B 115 -3.36 15.24 16.91
CA SER B 115 -2.38 15.09 15.83
C SER B 115 -1.68 16.44 15.70
N ASP B 116 -0.35 16.41 15.77
CA ASP B 116 0.45 17.62 15.66
C ASP B 116 1.60 17.32 14.71
N SER B 117 2.66 18.06 14.88
CA SER B 117 3.96 17.86 14.30
C SER B 117 4.94 17.48 15.40
N PRO B 118 6.00 16.77 15.06
CA PRO B 118 7.02 16.46 16.10
C PRO B 118 7.58 17.71 16.76
N GLU B 119 7.71 18.81 16.05
CA GLU B 119 8.09 20.08 16.71
C GLU B 119 7.03 20.67 17.60
N ARG B 120 5.77 20.67 17.19
CA ARG B 120 4.76 21.16 18.12
C ARG B 120 4.80 20.38 19.42
N ALA B 121 5.08 19.08 19.35
CA ALA B 121 5.10 18.24 20.54
C ALA B 121 6.30 18.54 21.42
N ARG B 122 7.43 18.92 20.82
CA ARG B 122 8.62 19.22 21.60
C ARG B 122 8.47 20.54 22.35
N GLU B 123 7.78 21.52 21.76
CA GLU B 123 7.53 22.78 22.46
C GLU B 123 6.60 22.58 23.65
N ALA B 124 5.55 21.76 23.47
CA ALA B 124 4.69 21.42 24.60
C ALA B 124 5.45 20.74 25.72
N ALA B 125 6.48 19.97 25.37
CA ALA B 125 7.30 19.31 26.40
C ALA B 125 7.93 20.35 27.33
N LYS B 126 8.49 21.41 26.74
CA LYS B 126 9.17 22.45 27.54
C LYS B 126 8.16 23.14 28.49
N TRP B 127 6.96 23.43 27.98
CA TRP B 127 5.94 24.10 28.81
C TRP B 127 5.58 23.21 30.01
N ALA B 128 5.43 21.90 29.76
CA ALA B 128 5.05 20.96 30.83
C ALA B 128 6.14 20.92 31.90
N ASP B 129 7.40 20.94 31.47
CA ASP B 129 8.54 20.87 32.42
C ASP B 129 8.54 22.10 33.33
N GLY B 130 8.24 23.27 32.77
CA GLY B 130 8.20 24.51 33.57
C GLY B 130 7.20 24.40 34.70
N HIS B 131 6.22 23.51 34.58
CA HIS B 131 5.19 23.41 35.62
C HIS B 131 5.19 22.08 36.33
N GLY B 132 6.23 21.26 36.15
CA GLY B 132 6.32 20.01 36.88
C GLY B 132 5.30 18.97 36.47
N ILE B 133 4.98 18.89 35.18
CA ILE B 133 4.01 17.93 34.66
C ILE B 133 4.77 16.85 33.89
N ARG B 134 4.53 15.59 34.25
CA ARG B 134 5.02 14.47 33.45
C ARG B 134 4.15 14.36 32.21
N TYR B 135 4.76 14.53 31.05
CA TYR B 135 4.04 14.78 29.80
C TYR B 135 4.33 13.67 28.80
N LEU B 136 3.25 13.12 28.25
CA LEU B 136 3.33 12.14 27.17
C LEU B 136 2.57 12.68 25.97
N ASP B 137 3.18 12.62 24.80
CA ASP B 137 2.51 12.97 23.55
C ASP B 137 2.07 11.68 22.86
N GLY B 138 0.82 11.65 22.42
CA GLY B 138 0.27 10.44 21.84
C GLY B 138 -0.16 10.59 20.40
N ALA B 139 -0.30 9.46 19.71
CA ALA B 139 -0.84 9.40 18.36
C ALA B 139 -1.71 8.17 18.23
N VAL B 140 -2.95 8.37 17.78
CA VAL B 140 -3.88 7.26 17.54
C VAL B 140 -3.74 6.81 16.09
N MET B 141 -3.55 5.51 15.90
CA MET B 141 -3.21 4.96 14.60
C MET B 141 -4.33 4.16 13.95
N ILE B 142 -5.47 4.00 14.63
CA ILE B 142 -6.55 3.18 14.11
C ILE B 142 -7.81 4.04 14.07
N PRO B 143 -8.81 3.65 13.25
CA PRO B 143 -10.10 4.37 13.24
C PRO B 143 -10.73 4.45 14.62
N THR B 144 -11.60 5.46 14.82
CA THR B 144 -12.21 5.67 16.12
C THR B 144 -12.99 4.46 16.60
N VAL B 145 -13.57 3.69 15.67
CA VAL B 145 -14.36 2.53 16.07
C VAL B 145 -13.49 1.42 16.63
N MET B 146 -12.20 1.39 16.30
CA MET B 146 -11.29 0.38 16.81
C MET B 146 -10.64 0.79 18.13
N VAL B 147 -10.88 2.01 18.60
CA VAL B 147 -10.30 2.44 19.87
C VAL B 147 -10.85 1.57 20.98
N GLY B 148 -9.95 1.06 21.82
CA GLY B 148 -10.32 0.16 22.89
C GLY B 148 -10.14 -1.32 22.56
N SER B 149 -9.94 -1.66 21.29
CA SER B 149 -9.80 -3.05 20.91
C SER B 149 -8.39 -3.55 21.21
N THR B 150 -8.25 -4.89 21.22
CA THR B 150 -6.95 -5.50 21.50
C THR B 150 -5.93 -5.18 20.41
N ASP B 151 -6.35 -5.17 19.15
CA ASP B 151 -5.42 -4.91 18.06
C ASP B 151 -5.09 -3.44 17.88
N ALA B 152 -5.81 -2.53 18.53
CA ALA B 152 -5.67 -1.11 18.27
C ALA B 152 -4.28 -0.62 18.68
N LEU B 153 -3.64 0.14 17.80
CA LEU B 153 -2.29 0.63 17.99
C LEU B 153 -2.30 2.10 18.38
N LEU B 154 -1.51 2.45 19.40
CA LEU B 154 -1.33 3.84 19.81
C LEU B 154 0.13 4.08 20.16
N PHE B 155 0.68 5.19 19.67
CA PHE B 155 2.07 5.56 19.92
C PHE B 155 2.14 6.61 21.02
N TYR B 156 3.15 6.49 21.88
CA TYR B 156 3.35 7.41 23.00
C TYR B 156 4.82 7.77 23.07
N ALA B 157 5.11 9.04 23.38
CA ALA B 157 6.49 9.51 23.50
C ALA B 157 6.59 10.52 24.64
N GLY B 158 7.63 10.37 25.47
CA GLY B 158 7.86 11.31 26.54
C GLY B 158 8.34 10.70 27.83
N ASP B 159 7.76 11.15 28.94
CA ASP B 159 8.16 10.70 30.28
C ASP B 159 7.96 9.20 30.41
N LYS B 160 9.05 8.48 30.67
CA LYS B 160 9.00 7.01 30.69
C LYS B 160 8.24 6.51 31.91
N SER B 161 8.51 7.09 33.10
CA SER B 161 7.84 6.62 34.30
C SER B 161 6.33 6.84 34.23
N ALA B 162 5.89 7.88 33.52
CA ALA B 162 4.45 8.09 33.36
C ALA B 162 3.80 6.96 32.57
N TYR B 163 4.45 6.52 31.49
CA TYR B 163 3.89 5.42 30.71
C TYR B 163 3.88 4.12 31.49
N ASP B 164 4.97 3.81 32.20
CA ASP B 164 5.06 2.53 32.89
C ASP B 164 4.12 2.44 34.07
N GLU B 165 3.95 3.54 34.81
CA GLU B 165 3.08 3.52 35.99
C GLU B 165 1.61 3.30 35.59
N HIS B 166 1.17 3.92 34.50
CA HIS B 166 -0.21 3.80 34.04
C HIS B 166 -0.31 3.03 32.72
N GLU B 167 0.50 1.98 32.57
CA GLU B 167 0.49 1.22 31.32
C GLU B 167 -0.85 0.57 31.07
N GLN B 168 -1.49 0.03 32.11
CA GLN B 168 -2.77 -0.63 31.94
C GLN B 168 -3.84 0.34 31.44
N VAL B 169 -3.73 1.62 31.81
CA VAL B 169 -4.64 2.63 31.30
C VAL B 169 -4.49 2.77 29.79
N PHE B 170 -3.24 2.75 29.30
CA PHE B 170 -3.00 2.98 27.89
C PHE B 170 -3.28 1.75 27.04
N THR B 171 -3.15 0.55 27.61
CA THR B 171 -3.56 -0.65 26.89
C THR B 171 -5.07 -0.79 26.81
N SER B 172 -5.81 -0.10 27.69
CA SER B 172 -7.26 -0.07 27.56
C SER B 172 -7.69 0.79 26.38
N LEU B 173 -6.91 1.82 26.04
CA LEU B 173 -7.18 2.61 24.84
C LEU B 173 -6.88 1.81 23.59
N GLY B 174 -5.92 0.89 23.65
CA GLY B 174 -5.53 0.09 22.52
C GLY B 174 -4.51 -0.96 22.92
N GLY B 175 -4.88 -2.24 22.79
CA GLY B 175 -4.02 -3.31 23.26
C GLY B 175 -2.64 -3.35 22.61
N GLN B 176 -2.48 -2.71 21.45
CA GLN B 176 -1.19 -2.64 20.77
C GLN B 176 -0.47 -1.32 21.05
N SER B 177 -0.73 -0.71 22.21
CA SER B 177 -0.07 0.52 22.60
C SER B 177 1.44 0.32 22.73
N ALA B 178 2.21 1.27 22.21
CA ALA B 178 3.66 1.17 22.21
C ALA B 178 4.29 2.51 22.60
N TYR B 179 5.20 2.46 23.57
CA TYR B 179 6.00 3.62 23.94
C TYR B 179 7.27 3.63 23.10
N VAL B 180 7.57 4.78 22.49
CA VAL B 180 8.58 4.82 21.44
C VAL B 180 9.78 5.69 21.80
N GLY B 181 9.87 6.18 23.03
CA GLY B 181 11.07 6.87 23.47
C GLY B 181 10.76 8.15 24.21
N ALA B 182 11.84 8.77 24.72
CA ALA B 182 11.73 9.95 25.56
C ALA B 182 11.57 11.24 24.77
N ASP B 183 12.03 11.27 23.52
CA ASP B 183 11.79 12.44 22.67
C ASP B 183 10.31 12.55 22.35
N HIS B 184 9.69 13.66 22.77
CA HIS B 184 8.24 13.80 22.69
C HIS B 184 7.74 13.89 21.25
N GLY B 185 8.61 14.23 20.30
CA GLY B 185 8.20 14.26 18.91
C GLY B 185 8.16 12.92 18.23
N LEU B 186 8.57 11.86 18.92
CA LEU B 186 8.67 10.54 18.29
C LEU B 186 7.31 9.95 18.00
N ALA B 187 6.30 10.26 18.82
CA ALA B 187 4.95 9.77 18.53
C ALA B 187 4.47 10.27 17.18
N ALA B 188 4.69 11.57 16.90
CA ALA B 188 4.29 12.12 15.60
C ALA B 188 5.15 11.58 14.47
N VAL B 189 6.45 11.38 14.72
CA VAL B 189 7.34 10.85 13.70
C VAL B 189 6.86 9.49 13.22
N TYR B 190 6.64 8.55 14.15
CA TYR B 190 6.10 7.25 13.79
C TYR B 190 4.77 7.39 13.07
N GLU B 191 3.90 8.27 13.56
CA GLU B 191 2.57 8.43 12.99
C GLU B 191 2.65 8.93 11.55
N LEU B 192 3.40 10.01 11.32
CA LEU B 192 3.48 10.58 9.98
C LEU B 192 4.15 9.62 9.01
N SER B 193 5.05 8.78 9.51
CA SER B 193 5.70 7.78 8.66
C SER B 193 4.71 6.72 8.20
N MET B 194 3.86 6.24 9.11
CA MET B 194 2.92 5.17 8.75
C MET B 194 1.81 5.67 7.84
N ILE B 195 1.25 6.85 8.14
CA ILE B 195 0.13 7.34 7.34
C ILE B 195 0.60 7.92 6.02
N ASP B 196 1.90 8.23 5.88
CA ASP B 196 2.47 8.43 4.55
C ASP B 196 2.27 7.19 3.70
N PHE B 197 2.61 6.03 4.24
CA PHE B 197 2.40 4.77 3.52
C PHE B 197 0.92 4.50 3.29
N PHE B 198 0.10 4.70 4.33
CA PHE B 198 -1.31 4.33 4.23
C PHE B 198 -2.04 5.14 3.17
N TRP B 199 -1.93 6.48 3.24
CA TRP B 199 -2.70 7.32 2.33
C TRP B 199 -2.20 7.23 0.90
N THR B 200 -0.89 7.04 0.71
CA THR B 200 -0.39 6.79 -0.64
C THR B 200 -0.94 5.49 -1.19
N SER B 201 -1.06 4.47 -0.34
CA SER B 201 -1.63 3.20 -0.78
C SER B 201 -3.10 3.35 -1.16
N MET B 202 -3.87 4.07 -0.35
CA MET B 202 -5.28 4.28 -0.67
C MET B 202 -5.44 5.07 -1.96
N SER B 203 -4.52 5.98 -2.25
CA SER B 203 -4.56 6.69 -3.52
C SER B 203 -4.38 5.74 -4.69
N GLY B 204 -3.38 4.85 -4.59
CA GLY B 204 -3.18 3.86 -5.64
C GLY B 204 -4.28 2.80 -5.68
N LEU B 205 -4.90 2.51 -4.54
CA LEU B 205 -6.00 1.55 -4.52
C LEU B 205 -7.20 2.09 -5.28
N VAL B 206 -7.59 3.34 -5.00
CA VAL B 206 -8.68 3.97 -5.75
C VAL B 206 -8.32 4.05 -7.22
N HIS B 207 -7.06 4.35 -7.54
CA HIS B 207 -6.67 4.55 -8.93
C HIS B 207 -6.67 3.25 -9.70
N GLY B 208 -6.22 2.15 -9.08
CA GLY B 208 -6.28 0.86 -9.74
C GLY B 208 -7.71 0.44 -10.03
N TYR B 209 -8.62 0.66 -9.07
CA TYR B 209 -10.03 0.38 -9.29
C TYR B 209 -10.58 1.21 -10.44
N ALA B 210 -10.23 2.50 -10.49
CA ALA B 210 -10.67 3.37 -11.58
C ALA B 210 -10.21 2.84 -12.93
N LEU B 211 -8.93 2.46 -13.04
CA LEU B 211 -8.40 1.94 -14.29
C LEU B 211 -9.21 0.75 -14.78
N ALA B 212 -9.52 -0.17 -13.87
CA ALA B 212 -10.33 -1.33 -14.22
C ALA B 212 -11.72 -0.95 -14.67
N ALA B 213 -12.36 -0.05 -13.94
CA ALA B 213 -13.73 0.35 -14.28
C ALA B 213 -13.81 0.92 -15.68
N LYS B 214 -12.73 1.53 -16.17
CA LYS B 214 -12.70 2.02 -17.54
C LYS B 214 -12.77 0.90 -18.56
N ASP B 215 -12.50 -0.34 -18.16
CA ASP B 215 -12.62 -1.49 -19.04
C ASP B 215 -13.77 -2.41 -18.64
N GLY B 216 -14.71 -1.92 -17.83
CA GLY B 216 -15.90 -2.67 -17.54
C GLY B 216 -15.75 -3.80 -16.54
N VAL B 217 -14.72 -3.77 -15.69
CA VAL B 217 -14.51 -4.77 -14.66
C VAL B 217 -14.92 -4.16 -13.33
N PRO B 218 -15.87 -4.75 -12.60
CA PRO B 218 -16.25 -4.19 -11.30
C PRO B 218 -15.13 -4.37 -10.28
N ALA B 219 -15.06 -3.41 -9.35
CA ALA B 219 -13.97 -3.40 -8.39
C ALA B 219 -13.97 -4.64 -7.50
N THR B 220 -15.15 -5.17 -7.18
CA THR B 220 -15.21 -6.36 -6.34
C THR B 220 -14.83 -7.63 -7.07
N SER B 221 -14.66 -7.58 -8.40
CA SER B 221 -14.07 -8.72 -9.09
C SER B 221 -12.56 -8.75 -8.91
N ILE B 222 -11.94 -7.59 -8.76
CA ILE B 222 -10.50 -7.47 -8.57
C ILE B 222 -10.10 -7.61 -7.10
N ALA B 223 -10.94 -7.09 -6.21
CA ALA B 223 -10.62 -7.06 -4.79
C ALA B 223 -10.15 -8.41 -4.22
N PRO B 224 -10.76 -9.55 -4.54
CA PRO B 224 -10.24 -10.82 -3.99
C PRO B 224 -8.79 -11.11 -4.36
N PHE B 225 -8.34 -10.68 -5.54
CA PHE B 225 -6.96 -10.95 -5.93
C PHE B 225 -5.97 -10.02 -5.26
N LEU B 226 -6.43 -8.87 -4.75
CA LEU B 226 -5.55 -7.92 -4.08
C LEU B 226 -5.04 -8.42 -2.73
N LYS B 227 -5.60 -9.50 -2.19
CA LYS B 227 -5.03 -10.09 -0.99
C LYS B 227 -3.71 -10.79 -1.27
N ALA B 228 -3.48 -11.23 -2.51
CA ALA B 228 -2.19 -11.78 -2.87
C ALA B 228 -1.10 -10.71 -2.84
N HIS B 229 -1.42 -9.49 -3.28
CA HIS B 229 -0.44 -8.42 -3.31
C HIS B 229 -0.27 -7.74 -1.96
N ILE B 230 -1.22 -7.90 -1.04
CA ILE B 230 -1.02 -7.43 0.32
C ILE B 230 0.02 -8.28 1.03
N SER B 231 -0.06 -9.61 0.86
CA SER B 231 0.93 -10.50 1.45
C SER B 231 2.31 -10.24 0.84
N LEU B 232 2.35 -9.88 -0.45
CA LEU B 232 3.60 -9.43 -1.06
C LEU B 232 4.10 -8.14 -0.41
N LEU B 233 3.20 -7.18 -0.24
CA LEU B 233 3.55 -5.92 0.42
C LEU B 233 4.11 -6.16 1.82
N SER B 234 3.49 -7.08 2.57
CA SER B 234 3.97 -7.39 3.91
C SER B 234 5.41 -7.87 3.88
N LEU B 235 5.77 -8.64 2.85
CA LEU B 235 7.14 -9.12 2.72
C LEU B 235 8.09 -7.98 2.38
N LEU B 236 7.68 -7.11 1.44
CA LEU B 236 8.55 -6.00 1.04
C LEU B 236 8.78 -5.01 2.18
N ILE B 237 7.84 -4.93 3.14
CA ILE B 237 8.00 -4.02 4.26
C ILE B 237 9.28 -4.31 5.02
N GLU B 238 9.53 -5.58 5.33
CA GLU B 238 10.76 -5.95 6.04
C GLU B 238 11.99 -5.79 5.15
N VAL B 239 11.88 -6.20 3.87
CA VAL B 239 13.04 -6.14 2.99
C VAL B 239 13.45 -4.71 2.73
N THR B 240 12.47 -3.83 2.46
CA THR B 240 12.80 -2.41 2.27
C THR B 240 13.39 -1.81 3.53
N ALA B 241 12.96 -2.26 4.71
CA ALA B 241 13.48 -1.70 5.95
C ALA B 241 14.94 -2.08 6.14
N LYS B 242 15.28 -3.35 5.91
CA LYS B 242 16.67 -3.77 5.99
C LYS B 242 17.52 -3.04 4.96
N ASP B 243 17.04 -2.96 3.72
CA ASP B 243 17.76 -2.24 2.68
C ASP B 243 17.96 -0.78 3.06
N LEU B 244 16.93 -0.15 3.65
CA LEU B 244 17.01 1.27 3.97
C LEU B 244 18.00 1.55 5.09
N ASP B 245 17.98 0.75 6.15
CA ASP B 245 18.92 0.97 7.25
C ASP B 245 20.34 0.60 6.87
N ALA B 246 20.51 -0.36 5.96
CA ALA B 246 21.85 -0.77 5.53
C ALA B 246 22.47 0.19 4.53
N GLY B 247 21.67 1.02 3.86
CA GLY B 247 22.21 1.82 2.77
C GLY B 247 22.61 1.02 1.55
N GLU B 248 22.27 -0.26 1.48
CA GLU B 248 22.61 -1.12 0.37
C GLU B 248 21.33 -1.57 -0.31
N TYR B 249 21.28 -1.46 -1.63
CA TYR B 249 20.07 -1.69 -2.41
C TYR B 249 20.38 -2.76 -3.46
N PRO B 250 20.41 -4.07 -3.10
CA PRO B 250 20.75 -5.09 -4.08
C PRO B 250 19.53 -5.49 -4.87
N GLY B 251 19.53 -5.24 -6.18
CA GLY B 251 18.40 -5.72 -6.99
C GLY B 251 18.66 -7.15 -7.41
N ALA B 252 18.60 -8.08 -6.46
CA ALA B 252 18.90 -9.50 -6.76
C ALA B 252 17.86 -10.02 -7.76
N SER B 253 16.59 -9.67 -7.53
CA SER B 253 15.54 -10.05 -8.50
C SER B 253 14.89 -8.75 -8.98
N GLY B 254 14.81 -8.55 -10.29
CA GLY B 254 14.28 -7.27 -10.79
C GLY B 254 15.38 -6.23 -10.78
N ASN B 255 15.05 -5.00 -11.17
CA ASN B 255 16.04 -3.90 -11.19
C ASN B 255 15.25 -2.61 -11.34
N LEU B 256 15.83 -1.50 -10.90
CA LEU B 256 15.02 -0.28 -10.91
C LEU B 256 14.69 0.14 -12.33
N ALA B 257 15.64 0.00 -13.27
CA ALA B 257 15.41 0.45 -14.64
C ALA B 257 14.24 -0.28 -15.28
N ALA B 258 14.08 -1.57 -14.97
CA ALA B 258 12.93 -2.31 -15.48
C ALA B 258 11.65 -1.90 -14.76
N GLU B 259 11.72 -1.69 -13.44
CA GLU B 259 10.55 -1.29 -12.67
C GLU B 259 10.03 0.08 -13.12
N VAL B 260 10.93 0.99 -13.48
CA VAL B 260 10.49 2.27 -14.05
C VAL B 260 9.69 2.02 -15.32
N GLU B 261 10.16 1.10 -16.17
CA GLU B 261 9.47 0.82 -17.43
C GLU B 261 8.07 0.29 -17.19
N GLY B 262 7.92 -0.67 -16.26
CA GLY B 262 6.61 -1.22 -15.97
C GLY B 262 5.64 -0.18 -15.45
N ILE B 263 6.13 0.79 -14.67
CA ILE B 263 5.28 1.86 -14.19
C ILE B 263 4.85 2.75 -15.35
N GLU B 264 5.71 2.95 -16.35
CA GLU B 264 5.33 3.74 -17.51
C GLU B 264 4.24 3.06 -18.33
N HIS B 265 4.17 1.73 -18.27
CA HIS B 265 3.07 1.03 -18.91
C HIS B 265 1.74 1.38 -18.26
N ILE B 266 1.72 1.47 -16.94
CA ILE B 266 0.50 1.84 -16.22
C ILE B 266 0.15 3.30 -16.47
N LEU B 267 1.15 4.18 -16.38
CA LEU B 267 0.94 5.60 -16.61
C LEU B 267 0.30 5.86 -17.97
N HIS B 268 0.97 5.42 -19.04
CA HIS B 268 0.46 5.63 -20.39
C HIS B 268 -0.92 5.01 -20.59
N ALA B 269 -1.11 3.78 -20.11
CA ALA B 269 -2.41 3.13 -20.27
C ALA B 269 -3.50 3.88 -19.51
N ALA B 270 -3.12 4.57 -18.43
CA ALA B 270 -4.12 5.27 -17.63
C ALA B 270 -4.49 6.62 -18.25
N GLU B 271 -3.52 7.35 -18.81
CA GLU B 271 -3.87 8.60 -19.46
C GLU B 271 -4.52 8.38 -20.82
N LEU B 272 -4.28 7.23 -21.45
CA LEU B 272 -5.05 6.88 -22.65
C LEU B 272 -6.54 6.82 -22.36
N ARG B 273 -6.91 6.47 -21.14
CA ARG B 273 -8.30 6.31 -20.75
C ARG B 273 -8.88 7.55 -20.07
N GLY B 274 -8.16 8.68 -20.12
CA GLY B 274 -8.67 9.93 -19.58
C GLY B 274 -8.59 10.07 -18.07
N LEU B 275 -7.84 9.20 -17.40
CA LEU B 275 -7.67 9.30 -15.96
C LEU B 275 -6.57 10.27 -15.59
N ASP B 276 -6.73 10.93 -14.44
CA ASP B 276 -5.64 11.68 -13.84
C ASP B 276 -4.50 10.72 -13.47
N VAL B 277 -3.30 11.06 -13.89
CA VAL B 277 -2.13 10.20 -13.70
C VAL B 277 -1.01 10.93 -12.98
N SER B 278 -1.34 12.00 -12.25
CA SER B 278 -0.32 12.81 -11.60
C SER B 278 0.44 12.04 -10.54
N VAL B 279 -0.23 11.10 -9.85
CA VAL B 279 0.46 10.31 -8.84
C VAL B 279 1.46 9.37 -9.48
N LEU B 280 1.02 8.59 -10.47
CA LEU B 280 1.90 7.66 -11.15
C LEU B 280 3.06 8.39 -11.83
N ARG B 281 2.77 9.55 -12.42
CA ARG B 281 3.85 10.34 -13.01
C ARG B 281 4.87 10.77 -11.97
N SER B 282 4.39 11.21 -10.80
CA SER B 282 5.33 11.58 -9.73
C SER B 282 6.08 10.37 -9.21
N VAL B 283 5.39 9.22 -9.10
CA VAL B 283 6.06 7.98 -8.72
C VAL B 283 7.14 7.63 -9.75
N ARG B 284 6.80 7.77 -11.04
CA ARG B 284 7.79 7.51 -12.09
C ARG B 284 8.98 8.46 -11.96
N ASP B 285 8.72 9.73 -11.64
CA ASP B 285 9.77 10.73 -11.67
C ASP B 285 10.73 10.59 -10.49
N VAL B 286 10.21 10.20 -9.32
CA VAL B 286 11.10 9.96 -8.18
C VAL B 286 11.99 8.76 -8.44
N ALA B 287 11.43 7.71 -9.07
CA ALA B 287 12.24 6.56 -9.43
C ALA B 287 13.17 6.89 -10.60
N ARG B 288 12.70 7.69 -11.55
CA ARG B 288 13.54 8.12 -12.66
C ARG B 288 14.74 8.91 -12.17
N ARG B 289 14.54 9.79 -11.18
CA ARG B 289 15.65 10.51 -10.58
C ARG B 289 16.68 9.55 -10.00
N ALA B 290 16.21 8.49 -9.32
CA ALA B 290 17.13 7.51 -8.74
C ALA B 290 17.91 6.77 -9.81
N VAL B 291 17.27 6.45 -10.94
CA VAL B 291 17.98 5.81 -12.05
C VAL B 291 19.09 6.72 -12.56
N ASP B 292 18.81 8.01 -12.68
CA ASP B 292 19.81 8.96 -13.13
C ASP B 292 20.95 9.14 -12.12
N LEU B 293 20.71 8.81 -10.85
CA LEU B 293 21.76 8.84 -9.84
C LEU B 293 22.58 7.56 -9.82
N GLY B 294 22.41 6.69 -10.82
CA GLY B 294 23.26 5.53 -10.98
C GLY B 294 22.71 4.23 -10.43
N HIS B 295 21.43 4.18 -10.06
CA HIS B 295 20.85 3.03 -9.39
C HIS B 295 19.97 2.19 -10.32
N GLY B 296 20.20 2.27 -11.63
CA GLY B 296 19.38 1.53 -12.57
C GLY B 296 19.39 0.03 -12.34
N ALA B 297 20.47 -0.49 -11.76
CA ALA B 297 20.59 -1.92 -11.49
C ALA B 297 20.13 -2.28 -10.09
N ASP B 298 19.86 -1.31 -9.23
CA ASP B 298 19.50 -1.58 -7.85
C ASP B 298 18.02 -1.93 -7.74
N SER B 299 17.61 -2.34 -6.55
CA SER B 299 16.23 -2.71 -6.29
C SER B 299 15.38 -1.45 -6.09
N TRP B 300 14.09 -1.66 -5.81
CA TRP B 300 13.19 -0.53 -5.60
C TRP B 300 13.61 0.31 -4.41
N SER B 301 14.29 -0.30 -3.43
CA SER B 301 14.75 0.44 -2.26
C SER B 301 15.62 1.63 -2.63
N ALA B 302 16.29 1.58 -3.78
CA ALA B 302 17.17 2.66 -4.20
C ALA B 302 16.42 3.93 -4.57
N THR B 303 15.09 3.88 -4.70
CA THR B 303 14.33 5.09 -4.97
C THR B 303 14.34 6.06 -3.80
N VAL B 304 14.79 5.63 -2.62
CA VAL B 304 14.94 6.57 -1.51
C VAL B 304 15.95 7.65 -1.86
N GLU B 305 16.88 7.34 -2.75
CA GLU B 305 17.83 8.36 -3.20
C GLU B 305 17.14 9.44 -4.01
N GLY B 306 16.14 9.06 -4.81
CA GLY B 306 15.38 10.06 -5.53
C GLY B 306 14.57 10.95 -4.60
N ALA B 307 14.05 10.38 -3.52
CA ALA B 307 13.28 11.16 -2.55
C ALA B 307 14.16 12.12 -1.76
N ARG B 308 15.42 11.74 -1.51
CA ARG B 308 16.30 12.57 -0.70
C ARG B 308 17.03 13.65 -1.49
N ASN B 309 17.21 13.47 -2.79
CA ASN B 309 17.98 14.40 -3.62
C ASN B 309 17.15 14.87 -4.81
N PRO B 310 16.11 15.69 -4.58
CA PRO B 310 15.34 16.22 -5.71
C PRO B 310 16.04 17.42 -6.35
#